data_2PU0
#
_entry.id   2PU0
#
_cell.length_a   74.946
_cell.length_b   110.760
_cell.length_c   109.219
_cell.angle_alpha   90.00
_cell.angle_beta   90.00
_cell.angle_gamma   90.00
#
_symmetry.space_group_name_H-M   'C 2 2 21'
#
loop_
_entity.id
_entity.type
_entity.pdbx_description
1 polymer Enolase
2 non-polymer 'ZINC ION'
3 non-polymer 'PHOSPHONOACETOHYDROXAMIC ACID'
4 non-polymer 1,2-ETHANEDIOL
5 water water
#
_entity_poly.entity_id   1
_entity_poly.type   'polypeptide(L)'
_entity_poly.pdbx_seq_one_letter_code
;GSHMTIQKVHGREVLDSRGNPTVEVEVTTEKGVFRSAVPSGASTGVYEACELRDGDKKRYVGKGCLQAVKNVNEVIGPAL
IGRDELKQEELDTLMLRLDGTPNKGKLGANAILGCSMAISKAAAAAKGVPLYRYLASLAGTKELRLPVPCFNVINGGKHA
GNALPFQEFMIAPVKATSFSEALRMGSEVYHSLRGIIKKKYGQDAVNVGDEGGFAPPIKDINEPLPILMEAIEEAGHRGK
FAICMDCAASETYDEKKQQYNLTFKSPEPTWVTAEQLRETYCKWAHDYPIVSIEDPYDQDDFAGFAGITEALKGKTQIVG
DDLTVTNTERIKMAIEKKACNSLLLKINQIGTISEAIASSKLCMENGWSVMVSHRSGETEDTYIADLVVALGSGQIKTGA
PCRGERTAKLNQLLRIEEELGAHAKFGFPGWS
;
_entity_poly.pdbx_strand_id   A
#
# COMPACT_ATOMS: atom_id res chain seq x y z
N SER A 2 -26.33 -20.05 -16.53
CA SER A 2 -25.51 -19.17 -17.42
C SER A 2 -25.96 -17.71 -17.42
N HIS A 3 -27.20 -17.44 -17.01
CA HIS A 3 -27.69 -16.06 -16.98
C HIS A 3 -26.95 -15.20 -15.93
N MET A 4 -26.38 -15.87 -14.93
CA MET A 4 -25.70 -15.20 -13.81
C MET A 4 -24.18 -15.05 -14.00
N THR A 5 -23.66 -15.57 -15.11
CA THR A 5 -22.22 -15.61 -15.33
C THR A 5 -21.65 -14.28 -15.87
N ILE A 6 -20.34 -14.28 -16.09
CA ILE A 6 -19.65 -13.15 -16.73
C ILE A 6 -20.16 -12.97 -18.18
N GLN A 7 -20.62 -11.76 -18.48
CA GLN A 7 -21.23 -11.45 -19.77
C GLN A 7 -20.27 -10.69 -20.67
N LYS A 8 -19.48 -9.79 -20.08
CA LYS A 8 -18.52 -8.94 -20.80
CA LYS A 8 -18.51 -8.99 -20.82
C LYS A 8 -17.33 -8.66 -19.90
N VAL A 9 -16.15 -8.54 -20.53
CA VAL A 9 -14.92 -8.09 -19.86
C VAL A 9 -14.29 -7.10 -20.83
N HIS A 10 -13.98 -5.91 -20.31
CA HIS A 10 -13.40 -4.90 -21.13
C HIS A 10 -12.38 -4.09 -20.32
N GLY A 11 -11.19 -3.96 -20.90
CA GLY A 11 -10.14 -3.11 -20.33
C GLY A 11 -9.99 -1.80 -21.10
N ARG A 12 -9.48 -0.79 -20.41
CA ARG A 12 -9.14 0.51 -21.01
C ARG A 12 -8.00 1.17 -20.22
N GLU A 13 -7.27 2.02 -20.92
CA GLU A 13 -6.21 2.81 -20.37
C GLU A 13 -6.86 4.05 -19.76
N VAL A 14 -6.56 4.30 -18.49
CA VAL A 14 -6.97 5.49 -17.75
C VAL A 14 -5.74 6.11 -17.04
N LEU A 15 -5.89 7.32 -16.49
CA LEU A 15 -4.77 7.98 -15.82
C LEU A 15 -4.76 7.75 -14.32
N ASP A 16 -3.56 7.62 -13.81
CA ASP A 16 -3.36 7.54 -12.38
C ASP A 16 -3.09 8.97 -11.84
N SER A 17 -2.87 9.06 -10.53
CA SER A 17 -2.86 10.33 -9.80
C SER A 17 -1.60 11.19 -10.10
N ARG A 18 -0.67 10.60 -10.85
CA ARG A 18 0.52 11.30 -11.35
C ARG A 18 0.36 11.61 -12.82
N GLY A 19 -0.79 11.26 -13.39
CA GLY A 19 -0.99 11.46 -14.81
C GLY A 19 -0.35 10.41 -15.73
N ASN A 20 0.09 9.31 -15.14
CA ASN A 20 0.60 8.18 -15.91
C ASN A 20 -0.52 7.17 -16.24
N PRO A 21 -0.48 6.56 -17.45
CA PRO A 21 -1.53 5.59 -17.77
C PRO A 21 -1.48 4.39 -16.87
N THR A 22 -2.67 3.84 -16.63
CA THR A 22 -2.77 2.55 -16.02
C THR A 22 -3.97 1.81 -16.62
N VAL A 23 -4.27 0.64 -16.06
CA VAL A 23 -5.26 -0.26 -16.60
C VAL A 23 -6.49 -0.25 -15.68
N GLU A 24 -7.65 -0.14 -16.29
CA GLU A 24 -8.88 -0.41 -15.58
C GLU A 24 -9.72 -1.45 -16.35
N VAL A 25 -10.44 -2.28 -15.60
CA VAL A 25 -11.18 -3.38 -16.13
C VAL A 25 -12.61 -3.31 -15.64
N GLU A 26 -13.53 -3.52 -16.58
CA GLU A 26 -14.93 -3.72 -16.24
C GLU A 26 -15.36 -5.16 -16.52
N VAL A 27 -15.94 -5.79 -15.50
CA VAL A 27 -16.63 -7.08 -15.65
C VAL A 27 -18.14 -6.79 -15.60
N THR A 28 -18.86 -7.19 -16.64
CA THR A 28 -20.31 -7.02 -16.69
C THR A 28 -21.02 -8.34 -16.44
N THR A 29 -22.00 -8.31 -15.56
CA THR A 29 -22.91 -9.42 -15.35
C THR A 29 -24.32 -8.86 -15.39
N GLU A 30 -25.30 -9.74 -15.25
CA GLU A 30 -26.68 -9.29 -15.18
C GLU A 30 -26.89 -8.34 -13.98
N LYS A 31 -25.99 -8.38 -13.00
CA LYS A 31 -26.13 -7.54 -11.81
C LYS A 31 -25.50 -6.17 -11.97
N GLY A 32 -24.80 -5.95 -13.09
CA GLY A 32 -24.32 -4.62 -13.44
C GLY A 32 -22.89 -4.62 -13.96
N VAL A 33 -22.26 -3.43 -13.89
CA VAL A 33 -20.88 -3.23 -14.38
C VAL A 33 -19.94 -3.01 -13.18
N PHE A 34 -18.90 -3.83 -13.11
CA PHE A 34 -18.01 -3.85 -11.94
C PHE A 34 -16.61 -3.48 -12.38
N ARG A 35 -16.16 -2.34 -11.86
CA ARG A 35 -14.97 -1.65 -12.39
C ARG A 35 -13.88 -1.60 -11.34
N SER A 36 -12.65 -1.97 -11.73
CA SER A 36 -11.48 -1.98 -10.85
C SER A 36 -10.30 -1.44 -11.63
N ALA A 37 -9.52 -0.59 -10.96
CA ALA A 37 -8.33 0.00 -11.59
C ALA A 37 -7.09 -0.43 -10.82
N VAL A 38 -5.97 -0.49 -11.55
CA VAL A 38 -4.71 -1.01 -11.07
C VAL A 38 -3.79 0.16 -10.68
N PRO A 39 -3.25 0.12 -9.45
CA PRO A 39 -2.35 1.19 -9.06
C PRO A 39 -0.92 0.93 -9.60
N SER A 40 -0.01 1.86 -9.33
CA SER A 40 1.37 1.73 -9.85
C SER A 40 2.37 2.38 -8.89
N GLY A 41 3.39 1.61 -8.51
CA GLY A 41 4.47 2.13 -7.65
C GLY A 41 5.51 2.99 -8.33
N ALA A 42 6.19 3.81 -7.54
CA ALA A 42 7.37 4.50 -8.04
C ALA A 42 8.61 3.79 -7.49
N SER A 43 8.63 3.56 -6.17
CA SER A 43 9.76 2.84 -5.61
C SER A 43 9.46 1.33 -5.64
N THR A 44 9.51 0.76 -6.84
CA THR A 44 9.05 -0.61 -7.05
C THR A 44 10.17 -1.58 -6.71
N GLY A 45 9.84 -2.60 -5.92
CA GLY A 45 10.80 -3.66 -5.59
C GLY A 45 11.19 -4.47 -6.83
N VAL A 46 12.43 -4.95 -6.86
CA VAL A 46 12.93 -5.77 -7.97
C VAL A 46 12.19 -7.11 -8.11
N TYR A 47 11.57 -7.57 -7.01
CA TYR A 47 10.85 -8.86 -7.01
C TYR A 47 9.33 -8.72 -7.26
N GLU A 48 8.87 -7.51 -7.54
CA GLU A 48 7.45 -7.33 -7.85
C GLU A 48 7.05 -8.00 -9.17
N ALA A 49 5.81 -8.48 -9.23
CA ALA A 49 5.26 -8.97 -10.48
C ALA A 49 5.33 -7.89 -11.58
N CYS A 50 5.40 -8.35 -12.82
CA CYS A 50 5.63 -7.47 -13.97
C CYS A 50 4.49 -6.47 -14.22
N GLU A 51 4.83 -5.19 -14.16
CA GLU A 51 3.94 -4.14 -14.65
C GLU A 51 4.30 -3.92 -16.12
N LEU A 52 3.40 -4.33 -17.00
CA LEU A 52 3.66 -4.31 -18.43
C LEU A 52 3.35 -2.94 -19.06
N ARG A 53 4.38 -2.26 -19.60
CA ARG A 53 4.17 -1.00 -20.32
C ARG A 53 4.64 -1.13 -21.76
N ASP A 54 4.17 -0.22 -22.61
CA ASP A 54 4.32 -0.35 -24.06
C ASP A 54 5.70 -0.02 -24.60
N GLY A 55 6.37 0.93 -23.95
CA GLY A 55 7.63 1.48 -24.42
C GLY A 55 7.60 2.21 -25.75
N ASP A 56 6.46 2.83 -26.09
CA ASP A 56 6.36 3.62 -27.33
C ASP A 56 6.69 5.06 -26.91
N LYS A 57 7.88 5.51 -27.30
CA LYS A 57 8.36 6.86 -26.95
C LYS A 57 7.40 7.97 -27.40
N LYS A 58 6.57 7.66 -28.40
CA LYS A 58 5.57 8.62 -28.89
C LYS A 58 4.25 8.72 -28.09
N ARG A 59 4.05 7.84 -27.12
CA ARG A 59 2.90 7.95 -26.22
C ARG A 59 3.39 7.94 -24.79
N TYR A 60 3.09 9.01 -24.06
CA TYR A 60 3.45 9.06 -22.63
C TYR A 60 4.92 8.67 -22.33
N VAL A 61 5.84 9.12 -23.19
CA VAL A 61 7.25 8.71 -23.21
C VAL A 61 7.46 7.22 -22.85
N GLY A 62 6.72 6.34 -23.52
CA GLY A 62 6.83 4.89 -23.28
C GLY A 62 6.04 4.25 -22.15
N LYS A 63 5.21 5.02 -21.44
CA LYS A 63 4.48 4.45 -20.31
C LYS A 63 3.03 3.97 -20.61
N GLY A 64 2.67 3.93 -21.89
CA GLY A 64 1.32 3.47 -22.30
C GLY A 64 1.00 2.09 -21.72
N CYS A 65 -0.28 1.80 -21.52
CA CYS A 65 -0.67 0.43 -21.12
C CYS A 65 -1.57 -0.25 -22.15
N LEU A 66 -1.42 0.13 -23.42
CA LEU A 66 -2.23 -0.47 -24.50
C LEU A 66 -2.02 -1.98 -24.61
N GLN A 67 -0.78 -2.46 -24.46
CA GLN A 67 -0.56 -3.91 -24.56
C GLN A 67 -1.28 -4.66 -23.42
N ALA A 68 -1.18 -4.17 -22.18
CA ALA A 68 -1.86 -4.83 -21.06
C ALA A 68 -3.39 -4.80 -21.30
N VAL A 69 -3.87 -3.65 -21.78
CA VAL A 69 -5.29 -3.50 -22.13
C VAL A 69 -5.71 -4.50 -23.24
N LYS A 70 -4.87 -4.63 -24.28
CA LYS A 70 -5.12 -5.62 -25.35
C LYS A 70 -5.17 -7.04 -24.77
N ASN A 71 -4.26 -7.35 -23.85
CA ASN A 71 -4.23 -8.66 -23.20
C ASN A 71 -5.52 -8.97 -22.44
N VAL A 72 -6.05 -7.96 -21.73
CA VAL A 72 -7.39 -8.05 -21.11
C VAL A 72 -8.46 -8.30 -22.21
N ASN A 73 -8.51 -7.40 -23.21
CA ASN A 73 -9.55 -7.49 -24.25
C ASN A 73 -9.50 -8.70 -25.16
N GLU A 74 -8.32 -9.19 -25.50
CA GLU A 74 -8.20 -10.21 -26.51
C GLU A 74 -7.84 -11.57 -25.95
N VAL A 75 -7.37 -11.62 -24.72
CA VAL A 75 -6.84 -12.88 -24.20
C VAL A 75 -7.59 -13.31 -22.95
N ILE A 76 -7.55 -12.47 -21.93
CA ILE A 76 -8.15 -12.85 -20.66
C ILE A 76 -9.67 -12.75 -20.72
N GLY A 77 -10.18 -11.62 -21.20
CA GLY A 77 -11.65 -11.40 -21.30
C GLY A 77 -12.38 -12.57 -21.97
N PRO A 78 -11.97 -12.92 -23.21
CA PRO A 78 -12.67 -14.01 -23.90
C PRO A 78 -12.66 -15.36 -23.13
N ALA A 79 -11.62 -15.63 -22.36
CA ALA A 79 -11.57 -16.84 -21.49
C ALA A 79 -12.58 -16.82 -20.33
N LEU A 80 -12.89 -15.62 -19.85
CA LEU A 80 -13.78 -15.45 -18.68
C LEU A 80 -15.28 -15.42 -19.04
N ILE A 81 -15.60 -15.12 -20.30
CA ILE A 81 -17.01 -15.00 -20.71
C ILE A 81 -17.71 -16.33 -20.45
N GLY A 82 -18.86 -16.22 -19.77
CA GLY A 82 -19.69 -17.39 -19.50
C GLY A 82 -19.24 -18.10 -18.23
N ARG A 83 -18.23 -17.59 -17.56
CA ARG A 83 -17.72 -18.29 -16.39
C ARG A 83 -18.38 -17.79 -15.11
N ASP A 84 -18.37 -18.66 -14.10
CA ASP A 84 -18.95 -18.34 -12.79
C ASP A 84 -17.99 -17.48 -11.95
N GLU A 85 -18.34 -16.22 -11.79
CA GLU A 85 -17.50 -15.23 -11.08
C GLU A 85 -17.27 -15.53 -9.59
N LEU A 86 -18.12 -16.38 -9.00
CA LEU A 86 -18.00 -16.80 -7.59
C LEU A 86 -16.74 -17.66 -7.33
N LYS A 87 -16.22 -18.28 -8.39
CA LYS A 87 -15.09 -19.19 -8.32
C LYS A 87 -13.78 -18.40 -8.37
N GLN A 88 -13.52 -17.64 -7.32
CA GLN A 88 -12.36 -16.73 -7.31
C GLN A 88 -11.03 -17.46 -7.51
N GLU A 89 -10.77 -18.48 -6.69
CA GLU A 89 -9.51 -19.24 -6.80
C GLU A 89 -9.34 -19.88 -8.18
N GLU A 90 -10.41 -20.51 -8.67
CA GLU A 90 -10.44 -21.13 -10.01
C GLU A 90 -10.10 -20.11 -11.12
N LEU A 91 -10.74 -18.95 -11.12
CA LEU A 91 -10.52 -17.94 -12.18
C LEU A 91 -9.14 -17.27 -12.08
N ASP A 92 -8.70 -16.98 -10.84
CA ASP A 92 -7.33 -16.50 -10.61
C ASP A 92 -6.28 -17.53 -11.08
N THR A 93 -6.49 -18.82 -10.77
CA THR A 93 -5.59 -19.87 -11.22
C THR A 93 -5.62 -19.99 -12.75
N LEU A 94 -6.80 -19.85 -13.35
CA LEU A 94 -6.89 -19.86 -14.81
C LEU A 94 -5.99 -18.75 -15.40
N MET A 95 -6.08 -17.55 -14.83
CA MET A 95 -5.32 -16.41 -15.36
C MET A 95 -3.82 -16.62 -15.17
N LEU A 96 -3.43 -17.17 -14.01
CA LEU A 96 -2.05 -17.57 -13.77
C LEU A 96 -1.55 -18.51 -14.89
N ARG A 97 -2.34 -19.53 -15.21
CA ARG A 97 -1.93 -20.50 -16.23
CA ARG A 97 -1.97 -20.50 -16.25
C ARG A 97 -1.99 -19.91 -17.65
N LEU A 98 -2.92 -18.99 -17.89
CA LEU A 98 -3.00 -18.26 -19.19
C LEU A 98 -1.70 -17.49 -19.44
N ASP A 99 -1.18 -16.90 -18.36
CA ASP A 99 0.11 -16.24 -18.42
C ASP A 99 1.31 -17.23 -18.49
N GLY A 100 1.35 -18.21 -17.59
CA GLY A 100 2.31 -19.30 -17.69
C GLY A 100 3.73 -18.95 -17.25
N THR A 101 3.92 -17.75 -16.69
CA THR A 101 5.27 -17.35 -16.22
C THR A 101 5.25 -17.03 -14.74
N PRO A 102 6.38 -17.20 -14.04
CA PRO A 102 6.39 -16.93 -12.60
C PRO A 102 6.12 -15.48 -12.20
N ASN A 103 6.50 -14.53 -13.05
CA ASN A 103 6.35 -13.08 -12.76
C ASN A 103 5.18 -12.36 -13.48
N LYS A 104 4.23 -13.11 -14.07
CA LYS A 104 3.17 -12.51 -14.91
C LYS A 104 3.73 -11.60 -16.03
N GLY A 105 4.88 -11.98 -16.58
CA GLY A 105 5.57 -11.18 -17.60
C GLY A 105 5.04 -11.35 -19.02
N LYS A 106 4.15 -12.33 -19.24
CA LYS A 106 3.54 -12.49 -20.56
C LYS A 106 2.32 -11.58 -20.75
N LEU A 107 1.32 -11.71 -19.87
CA LEU A 107 0.09 -10.91 -19.94
C LEU A 107 0.20 -9.58 -19.18
N GLY A 108 1.05 -9.56 -18.16
CA GLY A 108 1.15 -8.41 -17.29
C GLY A 108 0.32 -8.61 -16.02
N ALA A 109 0.96 -8.40 -14.86
CA ALA A 109 0.25 -8.32 -13.59
C ALA A 109 -0.79 -7.21 -13.60
N ASN A 110 -0.54 -6.14 -14.35
CA ASN A 110 -1.51 -5.05 -14.50
C ASN A 110 -2.73 -5.43 -15.39
N ALA A 111 -2.59 -6.39 -16.29
CA ALA A 111 -3.78 -6.92 -16.99
C ALA A 111 -4.61 -7.88 -16.09
N ILE A 112 -3.88 -8.78 -15.44
CA ILE A 112 -4.47 -9.84 -14.64
C ILE A 112 -5.21 -9.27 -13.40
N LEU A 113 -4.56 -8.34 -12.67
CA LEU A 113 -5.12 -7.86 -11.41
C LEU A 113 -6.47 -7.14 -11.54
N GLY A 114 -6.61 -6.24 -12.52
CA GLY A 114 -7.92 -5.59 -12.81
C GLY A 114 -9.03 -6.62 -12.96
N CYS A 115 -8.77 -7.68 -13.73
CA CYS A 115 -9.70 -8.82 -13.87
C CYS A 115 -10.01 -9.49 -12.53
N SER A 116 -8.98 -9.87 -11.76
CA SER A 116 -9.15 -10.50 -10.45
C SER A 116 -10.04 -9.67 -9.49
N MET A 117 -9.73 -8.38 -9.41
CA MET A 117 -10.49 -7.42 -8.61
C MET A 117 -11.95 -7.33 -9.04
N ALA A 118 -12.19 -7.12 -10.34
CA ALA A 118 -13.54 -6.91 -10.87
C ALA A 118 -14.40 -8.17 -10.72
N ILE A 119 -13.78 -9.34 -10.92
CA ILE A 119 -14.45 -10.64 -10.73
C ILE A 119 -14.96 -10.69 -9.30
N SER A 120 -14.12 -10.31 -8.34
CA SER A 120 -14.51 -10.38 -6.92
C SER A 120 -15.68 -9.44 -6.60
N LYS A 121 -15.73 -8.27 -7.25
CA LYS A 121 -16.84 -7.34 -7.09
C LYS A 121 -18.14 -7.83 -7.73
N ALA A 122 -18.04 -8.43 -8.92
CA ALA A 122 -19.17 -9.09 -9.57
C ALA A 122 -19.73 -10.21 -8.68
N ALA A 123 -18.81 -10.99 -8.07
CA ALA A 123 -19.18 -12.09 -7.18
C ALA A 123 -19.90 -11.61 -5.92
N ALA A 124 -19.35 -10.57 -5.29
CA ALA A 124 -19.97 -9.95 -4.10
C ALA A 124 -21.41 -9.53 -4.43
N ALA A 125 -21.59 -8.92 -5.60
CA ALA A 125 -22.93 -8.50 -6.09
C ALA A 125 -23.82 -9.72 -6.30
N ALA A 126 -23.27 -10.77 -6.91
CA ALA A 126 -24.01 -12.03 -7.05
C ALA A 126 -24.49 -12.61 -5.73
N LYS A 127 -23.65 -12.55 -4.70
CA LYS A 127 -24.01 -13.02 -3.34
C LYS A 127 -24.98 -12.03 -2.64
N GLY A 128 -25.03 -10.79 -3.15
CA GLY A 128 -25.83 -9.74 -2.56
C GLY A 128 -25.29 -9.21 -1.24
N VAL A 129 -23.96 -9.08 -1.16
CA VAL A 129 -23.26 -8.60 0.05
C VAL A 129 -22.24 -7.54 -0.37
N PRO A 130 -21.88 -6.63 0.54
CA PRO A 130 -20.83 -5.71 0.12
C PRO A 130 -19.48 -6.41 -0.07
N LEU A 131 -18.65 -5.82 -0.91
CA LEU A 131 -17.31 -6.35 -1.19
C LEU A 131 -16.54 -6.79 0.05
N TYR A 132 -16.47 -5.95 1.09
CA TYR A 132 -15.74 -6.34 2.32
C TYR A 132 -16.28 -7.65 2.92
N ARG A 133 -17.58 -7.86 2.83
CA ARG A 133 -18.17 -9.06 3.39
C ARG A 133 -17.77 -10.29 2.60
N TYR A 134 -17.87 -10.17 1.28
CA TYR A 134 -17.49 -11.21 0.34
C TYR A 134 -16.00 -11.63 0.48
N LEU A 135 -15.11 -10.64 0.50
CA LEU A 135 -13.69 -10.87 0.68
C LEU A 135 -13.38 -11.50 2.04
N ALA A 136 -14.12 -11.12 3.08
CA ALA A 136 -13.95 -11.71 4.43
C ALA A 136 -14.20 -13.23 4.37
N SER A 137 -15.26 -13.60 3.64
CA SER A 137 -15.58 -15.01 3.44
CA SER A 137 -15.59 -15.01 3.43
C SER A 137 -14.48 -15.74 2.67
N LEU A 138 -13.97 -15.12 1.61
CA LEU A 138 -12.84 -15.71 0.86
C LEU A 138 -11.61 -15.93 1.75
N ALA A 139 -11.37 -15.01 2.69
CA ALA A 139 -10.19 -15.07 3.53
C ALA A 139 -10.38 -15.85 4.83
N GLY A 140 -11.62 -16.31 5.09
CA GLY A 140 -11.96 -16.96 6.37
C GLY A 140 -11.79 -16.04 7.60
N THR A 141 -11.96 -14.74 7.41
CA THR A 141 -11.80 -13.76 8.52
C THR A 141 -12.93 -13.91 9.55
N LYS A 142 -12.55 -14.07 10.80
CA LYS A 142 -13.52 -14.22 11.89
C LYS A 142 -14.12 -12.89 12.41
N GLU A 143 -13.35 -11.81 12.34
CA GLU A 143 -13.79 -10.53 12.86
C GLU A 143 -13.35 -9.39 11.97
N LEU A 144 -14.33 -8.69 11.40
CA LEU A 144 -14.02 -7.47 10.65
C LEU A 144 -13.53 -6.42 11.61
N ARG A 145 -12.66 -5.52 11.15
CA ARG A 145 -12.38 -4.27 11.89
C ARG A 145 -12.04 -3.12 10.97
N LEU A 146 -12.37 -1.92 11.43
CA LEU A 146 -11.87 -0.72 10.82
C LEU A 146 -10.41 -0.52 11.26
N PRO A 147 -9.54 -0.21 10.30
CA PRO A 147 -8.10 -0.11 10.59
C PRO A 147 -7.72 1.28 11.13
N VAL A 148 -6.65 1.34 11.92
CA VAL A 148 -5.96 2.62 12.12
C VAL A 148 -5.32 3.02 10.79
N PRO A 149 -5.62 4.24 10.31
CA PRO A 149 -5.00 4.80 9.12
C PRO A 149 -3.62 5.41 9.45
N CYS A 150 -2.64 5.09 8.60
CA CYS A 150 -1.27 5.55 8.83
C CYS A 150 -0.99 6.58 7.74
N PHE A 151 -1.00 7.84 8.15
CA PHE A 151 -1.09 8.97 7.20
C PHE A 151 0.31 9.52 6.90
N ASN A 152 0.76 9.37 5.67
CA ASN A 152 2.09 9.83 5.23
C ASN A 152 2.06 11.35 5.02
N VAL A 153 2.47 12.10 6.04
CA VAL A 153 2.22 13.55 6.06
C VAL A 153 3.45 14.41 5.75
N ILE A 154 4.65 13.82 5.87
CA ILE A 154 5.83 14.45 5.31
C ILE A 154 6.41 13.50 4.25
N ASN A 155 6.31 13.93 2.98
CA ASN A 155 6.70 13.12 1.81
C ASN A 155 8.16 13.35 1.42
N GLY A 156 8.86 12.28 1.18
CA GLY A 156 10.22 12.29 0.70
C GLY A 156 10.54 11.23 -0.33
N GLY A 157 11.80 10.86 -0.42
CA GLY A 157 12.26 9.95 -1.46
C GLY A 157 11.90 10.24 -2.93
N LYS A 158 11.60 9.19 -3.68
CA LYS A 158 11.03 9.30 -5.01
C LYS A 158 9.64 9.92 -5.07
N HIS A 159 8.99 10.16 -3.91
CA HIS A 159 7.64 10.71 -3.86
C HIS A 159 7.52 12.25 -3.74
N ALA A 160 8.69 12.92 -3.59
CA ALA A 160 8.82 14.38 -3.51
C ALA A 160 10.24 14.79 -4.03
N GLY A 161 10.48 16.02 -4.51
CA GLY A 161 9.90 17.25 -4.03
C GLY A 161 10.97 17.98 -3.21
N ASN A 162 12.13 17.34 -2.98
CA ASN A 162 13.08 17.77 -1.92
C ASN A 162 14.37 16.92 -1.79
N ALA A 163 15.25 17.31 -0.85
CA ALA A 163 16.47 16.53 -0.53
C ALA A 163 16.24 15.26 0.29
N LEU A 164 15.13 15.20 1.03
CA LEU A 164 14.82 14.13 1.99
C LEU A 164 14.93 12.69 1.40
N PRO A 165 15.90 11.90 1.87
CA PRO A 165 16.17 10.61 1.18
C PRO A 165 15.16 9.50 1.48
N PHE A 166 14.63 9.50 2.71
CA PHE A 166 13.71 8.48 3.19
C PHE A 166 12.31 8.89 2.85
N GLN A 167 11.47 7.89 2.65
CA GLN A 167 10.33 8.09 1.80
C GLN A 167 9.12 8.64 2.52
N GLU A 168 8.81 8.07 3.67
CA GLU A 168 7.51 8.33 4.29
C GLU A 168 7.66 8.55 5.79
N PHE A 169 7.11 9.66 6.25
CA PHE A 169 6.98 9.92 7.69
C PHE A 169 5.51 10.03 7.99
N MET A 170 5.00 9.07 8.79
CA MET A 170 3.56 8.93 8.99
C MET A 170 3.11 9.15 10.43
N ILE A 171 1.86 9.59 10.55
CA ILE A 171 1.20 9.71 11.86
C ILE A 171 -0.01 8.77 11.85
N ALA A 172 -0.27 8.11 12.98
CA ALA A 172 -1.35 7.14 13.09
C ALA A 172 -2.06 7.39 14.42
N PRO A 173 -3.36 7.76 14.37
CA PRO A 173 -4.21 8.03 15.56
C PRO A 173 -4.55 6.71 16.31
N VAL A 174 -3.54 6.06 16.86
CA VAL A 174 -3.70 4.70 17.42
C VAL A 174 -4.67 4.65 18.61
N LYS A 175 -4.84 5.78 19.29
CA LYS A 175 -5.69 5.86 20.48
C LYS A 175 -7.10 6.37 20.18
N ALA A 176 -7.41 6.61 18.91
CA ALA A 176 -8.78 6.91 18.53
C ALA A 176 -9.66 5.70 18.85
N THR A 177 -10.96 5.91 19.03
CA THR A 177 -11.84 4.79 19.38
C THR A 177 -12.83 4.43 18.26
N SER A 178 -12.78 5.19 17.17
CA SER A 178 -13.53 4.87 15.96
C SER A 178 -12.74 5.33 14.75
N PHE A 179 -13.08 4.80 13.59
CA PHE A 179 -12.48 5.31 12.38
C PHE A 179 -12.82 6.79 12.13
N SER A 180 -14.08 7.16 12.37
CA SER A 180 -14.53 8.56 12.23
C SER A 180 -13.60 9.56 12.97
N GLU A 181 -13.40 9.26 14.24
CA GLU A 181 -12.50 10.01 15.11
C GLU A 181 -11.04 9.96 14.61
N ALA A 182 -10.56 8.77 14.24
CA ALA A 182 -9.21 8.59 13.69
C ALA A 182 -9.00 9.52 12.50
N LEU A 183 -9.96 9.54 11.58
CA LEU A 183 -9.80 10.29 10.37
C LEU A 183 -9.85 11.80 10.66
N ARG A 184 -10.80 12.20 11.51
CA ARG A 184 -10.85 13.62 11.91
C ARG A 184 -9.56 14.07 12.60
N MET A 185 -9.07 13.29 13.56
CA MET A 185 -7.82 13.61 14.25
C MET A 185 -6.65 13.74 13.25
N GLY A 186 -6.57 12.79 12.32
CA GLY A 186 -5.54 12.81 11.26
C GLY A 186 -5.56 14.09 10.46
N SER A 187 -6.74 14.45 10.02
CA SER A 187 -6.93 15.69 9.30
C SER A 187 -6.57 16.94 10.12
N GLU A 188 -7.02 16.99 11.37
CA GLU A 188 -6.72 18.15 12.23
C GLU A 188 -5.19 18.33 12.42
N VAL A 189 -4.48 17.22 12.62
CA VAL A 189 -3.00 17.27 12.79
C VAL A 189 -2.35 17.73 11.46
N TYR A 190 -2.84 17.19 10.35
CA TYR A 190 -2.36 17.55 9.04
C TYR A 190 -2.48 19.06 8.83
N HIS A 191 -3.64 19.62 9.22
CA HIS A 191 -3.86 21.05 9.13
C HIS A 191 -2.92 21.87 10.01
N SER A 192 -2.71 21.42 11.25
CA SER A 192 -1.76 22.08 12.15
C SER A 192 -0.33 22.02 11.59
N LEU A 193 0.02 20.87 11.03
CA LEU A 193 1.32 20.65 10.41
C LEU A 193 1.61 21.63 9.28
N ARG A 194 0.62 21.91 8.42
CA ARG A 194 0.80 22.91 7.35
C ARG A 194 1.26 24.25 7.93
N GLY A 195 0.57 24.73 8.97
CA GLY A 195 0.93 25.99 9.61
C GLY A 195 2.34 26.01 10.18
N ILE A 196 2.73 24.88 10.78
CA ILE A 196 4.06 24.75 11.42
C ILE A 196 5.15 24.77 10.34
N ILE A 197 4.92 24.03 9.25
CA ILE A 197 5.86 23.95 8.12
C ILE A 197 5.97 25.31 7.45
N LYS A 198 4.84 25.96 7.22
CA LYS A 198 4.85 27.31 6.62
C LYS A 198 5.65 28.31 7.47
N LYS A 199 5.47 28.28 8.78
CA LYS A 199 6.19 29.19 9.67
C LYS A 199 7.71 28.93 9.70
N LYS A 200 8.09 27.65 9.70
CA LYS A 200 9.50 27.25 9.83
C LYS A 200 10.29 27.37 8.52
N TYR A 201 9.64 26.97 7.43
CA TYR A 201 10.28 26.84 6.12
C TYR A 201 9.78 27.86 5.09
N GLY A 202 8.65 28.51 5.37
CA GLY A 202 8.09 29.50 4.45
C GLY A 202 7.01 28.93 3.53
N GLN A 203 6.32 29.84 2.85
CA GLN A 203 5.24 29.55 1.89
C GLN A 203 5.49 28.41 0.91
N ASP A 204 6.67 28.44 0.30
CA ASP A 204 7.07 27.51 -0.77
C ASP A 204 7.24 26.09 -0.29
N ALA A 205 7.12 25.87 1.03
CA ALA A 205 7.34 24.56 1.68
C ALA A 205 6.09 23.69 1.87
N VAL A 206 4.90 24.22 1.58
CA VAL A 206 3.64 23.51 1.91
C VAL A 206 2.87 22.94 0.72
N ASN A 207 3.49 22.96 -0.45
CA ASN A 207 3.02 22.15 -1.56
C ASN A 207 3.17 20.65 -1.28
N VAL A 208 2.47 19.82 -2.02
CA VAL A 208 2.40 18.42 -1.61
C VAL A 208 3.09 17.49 -2.56
N GLY A 209 3.52 16.35 -1.99
CA GLY A 209 4.06 15.23 -2.74
C GLY A 209 3.00 14.30 -3.31
N ASP A 210 3.47 13.19 -3.88
CA ASP A 210 2.59 12.25 -4.58
C ASP A 210 1.51 11.68 -3.67
N GLU A 211 1.81 11.52 -2.38
CA GLU A 211 0.84 10.93 -1.48
C GLU A 211 0.08 11.93 -0.62
N GLY A 212 0.22 13.22 -0.96
CA GLY A 212 -0.54 14.27 -0.30
C GLY A 212 0.12 14.81 0.95
N GLY A 213 1.27 14.25 1.31
CA GLY A 213 2.06 14.81 2.40
C GLY A 213 2.79 16.08 1.98
N PHE A 214 3.21 16.84 2.97
CA PHE A 214 4.00 18.01 2.72
C PHE A 214 5.36 17.63 2.23
N ALA A 215 5.85 18.46 1.32
CA ALA A 215 7.17 18.27 0.78
C ALA A 215 8.11 19.45 1.14
N PRO A 216 8.44 19.61 2.45
CA PRO A 216 9.25 20.75 2.87
C PRO A 216 10.67 20.52 2.39
N PRO A 217 11.50 21.59 2.38
CA PRO A 217 12.88 21.49 1.92
C PRO A 217 13.79 20.96 3.03
N ILE A 218 13.61 19.68 3.34
CA ILE A 218 14.40 19.04 4.41
C ILE A 218 15.35 18.01 3.78
N LYS A 219 16.57 17.95 4.30
CA LYS A 219 17.56 16.96 3.88
C LYS A 219 17.72 15.83 4.93
N ASP A 220 17.85 16.25 6.20
CA ASP A 220 18.10 15.39 7.35
C ASP A 220 16.89 14.50 7.66
N ILE A 221 17.14 13.19 7.78
CA ILE A 221 16.08 12.20 8.04
C ILE A 221 15.50 12.26 9.45
N ASN A 222 16.23 12.88 10.38
CA ASN A 222 15.72 13.06 11.75
C ASN A 222 14.78 14.25 11.88
N GLU A 223 14.93 15.21 10.95
CA GLU A 223 14.34 16.54 11.09
C GLU A 223 12.80 16.55 11.09
N PRO A 224 12.16 15.68 10.27
CA PRO A 224 10.69 15.65 10.39
C PRO A 224 10.08 15.23 11.74
N LEU A 225 10.79 14.44 12.56
CA LEU A 225 10.14 13.87 13.74
C LEU A 225 9.64 14.86 14.83
N PRO A 226 10.48 15.84 15.26
CA PRO A 226 9.94 16.85 16.20
C PRO A 226 8.75 17.67 15.64
N ILE A 227 8.78 17.93 14.33
CA ILE A 227 7.71 18.66 13.64
C ILE A 227 6.38 17.89 13.76
N LEU A 228 6.42 16.57 13.54
CA LEU A 228 5.24 15.70 13.72
C LEU A 228 4.68 15.77 15.16
N MET A 229 5.54 15.70 16.16
CA MET A 229 5.10 15.81 17.57
C MET A 229 4.48 17.17 17.87
N GLU A 230 5.09 18.24 17.36
CA GLU A 230 4.53 19.58 17.48
C GLU A 230 3.11 19.70 16.89
N ALA A 231 2.93 19.20 15.67
CA ALA A 231 1.62 19.19 15.02
C ALA A 231 0.60 18.39 15.83
N ILE A 232 0.98 17.21 16.31
CA ILE A 232 0.11 16.41 17.17
C ILE A 232 -0.33 17.21 18.40
N GLU A 233 0.62 17.88 19.04
CA GLU A 233 0.36 18.68 20.24
C GLU A 233 -0.55 19.88 19.93
N GLU A 234 -0.20 20.62 18.88
CA GLU A 234 -0.91 21.83 18.51
C GLU A 234 -2.37 21.59 18.12
N ALA A 235 -2.62 20.46 17.45
CA ALA A 235 -3.96 20.08 17.04
C ALA A 235 -4.87 19.65 18.23
N GLY A 236 -4.27 19.55 19.43
CA GLY A 236 -4.96 19.10 20.65
C GLY A 236 -5.00 17.58 20.92
N HIS A 237 -4.12 16.83 20.26
CA HIS A 237 -4.13 15.35 20.32
C HIS A 237 -2.88 14.71 20.92
N ARG A 238 -2.22 15.42 21.85
CA ARG A 238 -1.11 14.84 22.61
C ARG A 238 -1.51 13.45 23.15
N GLY A 239 -0.64 12.47 22.93
CA GLY A 239 -0.82 11.14 23.48
C GLY A 239 -1.66 10.20 22.64
N LYS A 240 -2.36 10.74 21.65
CA LYS A 240 -3.29 9.92 20.86
C LYS A 240 -2.65 9.24 19.64
N PHE A 241 -1.46 9.70 19.27
CA PHE A 241 -0.82 9.32 18.00
C PHE A 241 0.48 8.56 18.19
N ALA A 242 0.77 7.72 17.21
CA ALA A 242 2.07 7.08 17.02
C ALA A 242 2.64 7.47 15.65
N ILE A 243 3.91 7.13 15.45
CA ILE A 243 4.58 7.40 14.19
C ILE A 243 4.89 6.08 13.48
N CYS A 244 4.77 6.10 12.15
CA CYS A 244 5.19 4.98 11.31
C CYS A 244 6.16 5.51 10.27
N MET A 245 7.20 4.74 9.97
CA MET A 245 8.19 5.17 8.97
C MET A 245 8.18 4.26 7.76
N ASP A 246 8.42 4.81 6.57
CA ASP A 246 8.81 3.94 5.46
C ASP A 246 10.10 4.49 4.89
N CYS A 247 11.20 3.80 5.17
CA CYS A 247 12.51 4.29 4.76
C CYS A 247 12.70 4.09 3.25
N ALA A 248 12.05 3.05 2.73
CA ALA A 248 12.26 2.57 1.34
C ALA A 248 13.76 2.52 1.03
N ALA A 249 14.49 1.85 1.90
CA ALA A 249 15.95 2.02 1.96
C ALA A 249 16.67 1.47 0.73
N SER A 250 16.02 0.57 -0.01
CA SER A 250 16.57 0.03 -1.26
C SER A 250 16.89 1.13 -2.25
N GLU A 251 16.01 2.14 -2.32
CA GLU A 251 16.19 3.32 -3.19
C GLU A 251 17.45 4.16 -2.94
N THR A 252 18.04 4.05 -1.74
CA THR A 252 19.24 4.81 -1.41
C THR A 252 20.49 3.92 -1.51
N TYR A 253 20.27 2.62 -1.65
CA TYR A 253 21.32 1.63 -1.48
C TYR A 253 22.19 1.50 -2.74
N ASP A 254 23.50 1.41 -2.53
CA ASP A 254 24.43 1.10 -3.61
C ASP A 254 25.02 -0.28 -3.35
N GLU A 255 24.66 -1.22 -4.24
CA GLU A 255 25.06 -2.62 -4.15
C GLU A 255 26.57 -2.87 -4.12
N LYS A 256 27.32 -2.16 -4.95
CA LYS A 256 28.78 -2.34 -4.98
C LYS A 256 29.44 -1.84 -3.69
N LYS A 257 28.97 -0.69 -3.21
CA LYS A 257 29.56 -0.03 -2.04
C LYS A 257 29.00 -0.62 -0.74
N GLN A 258 27.83 -1.24 -0.83
CA GLN A 258 27.15 -1.87 0.31
C GLN A 258 26.87 -0.86 1.44
N GLN A 259 26.42 0.32 1.02
CA GLN A 259 26.14 1.46 1.89
C GLN A 259 24.96 2.21 1.31
N TYR A 260 24.38 3.08 2.12
CA TYR A 260 23.16 3.80 1.77
C TYR A 260 23.48 5.29 1.56
N ASN A 261 22.97 5.86 0.48
CA ASN A 261 23.23 7.27 0.13
C ASN A 261 22.10 8.17 0.65
N LEU A 262 22.34 8.78 1.82
CA LEU A 262 21.35 9.66 2.45
C LEU A 262 21.14 11.00 1.73
N THR A 263 21.86 11.20 0.62
CA THR A 263 21.67 12.41 -0.16
C THR A 263 21.69 12.15 -1.69
N PHE A 264 20.96 11.10 -2.07
CA PHE A 264 20.91 10.60 -3.46
C PHE A 264 20.22 11.53 -4.48
N LYS A 265 19.44 12.49 -3.96
CA LYS A 265 18.75 13.47 -4.80
C LYS A 265 19.49 14.81 -4.79
N SER A 266 20.75 14.79 -4.36
CA SER A 266 21.61 15.96 -4.29
C SER A 266 22.91 15.72 -5.07
N PRO A 267 23.58 16.81 -5.52
CA PRO A 267 24.83 16.68 -6.31
C PRO A 267 25.93 15.80 -5.67
N GLU A 268 26.11 15.91 -4.36
CA GLU A 268 27.14 15.12 -3.66
C GLU A 268 26.51 14.08 -2.73
N PRO A 269 27.18 12.91 -2.54
CA PRO A 269 26.63 11.79 -1.77
C PRO A 269 27.00 11.79 -0.29
N THR A 270 26.10 11.25 0.54
CA THR A 270 26.38 11.00 1.95
C THR A 270 26.29 9.49 2.16
N TRP A 271 27.46 8.84 2.15
CA TRP A 271 27.50 7.40 2.34
C TRP A 271 27.37 7.03 3.82
N VAL A 272 26.46 6.09 4.08
CA VAL A 272 26.11 5.66 5.44
C VAL A 272 25.98 4.12 5.47
N THR A 273 26.53 3.47 6.51
CA THR A 273 26.44 2.00 6.61
C THR A 273 25.12 1.53 7.21
N ALA A 274 24.85 0.22 7.10
CA ALA A 274 23.69 -0.43 7.72
C ALA A 274 23.74 -0.35 9.25
N GLU A 275 24.96 -0.37 9.79
CA GLU A 275 25.17 -0.22 11.24
C GLU A 275 24.85 1.21 11.72
N GLN A 276 25.23 2.21 10.90
CA GLN A 276 24.87 3.61 11.13
C GLN A 276 23.35 3.83 11.11
N LEU A 277 22.67 3.05 10.27
CA LEU A 277 21.21 3.04 10.20
C LEU A 277 20.55 2.42 11.45
N ARG A 278 21.11 1.29 11.96
CA ARG A 278 20.49 0.62 13.12
C ARG A 278 20.51 1.51 14.36
N GLU A 279 21.64 2.22 14.54
CA GLU A 279 21.81 3.22 15.59
C GLU A 279 20.74 4.30 15.49
N THR A 280 20.48 4.74 14.25
CA THR A 280 19.46 5.76 13.99
C THR A 280 18.07 5.20 14.35
N TYR A 281 17.74 3.99 13.89
CA TYR A 281 16.45 3.36 14.15
C TYR A 281 16.18 3.15 15.64
N CYS A 282 17.18 2.65 16.36
CA CYS A 282 17.08 2.45 17.82
C CYS A 282 16.85 3.79 18.52
N LYS A 283 17.55 4.83 18.07
CA LYS A 283 17.37 6.19 18.61
C LYS A 283 15.95 6.74 18.35
N TRP A 284 15.48 6.63 17.11
CA TRP A 284 14.09 6.95 16.72
C TRP A 284 13.06 6.31 17.63
N ALA A 285 13.20 4.99 17.81
CA ALA A 285 12.23 4.18 18.55
C ALA A 285 12.23 4.58 20.02
N HIS A 286 13.38 5.03 20.51
CA HIS A 286 13.47 5.52 21.86
C HIS A 286 12.93 6.95 22.05
N ASP A 287 13.25 7.86 21.08
CA ASP A 287 12.95 9.32 21.24
C ASP A 287 11.48 9.65 20.93
N TYR A 288 10.83 8.80 20.16
CA TYR A 288 9.48 9.04 19.64
C TYR A 288 8.62 7.78 19.75
N PRO A 289 7.26 7.95 19.70
CA PRO A 289 6.41 6.78 19.67
C PRO A 289 6.35 6.19 18.26
N ILE A 290 7.48 5.69 17.79
CA ILE A 290 7.57 5.02 16.49
C ILE A 290 7.18 3.56 16.66
N VAL A 291 6.01 3.19 16.13
CA VAL A 291 5.51 1.84 16.35
C VAL A 291 5.71 0.91 15.16
N SER A 292 6.18 1.47 14.06
CA SER A 292 6.33 0.73 12.79
C SER A 292 7.42 1.37 11.95
N ILE A 293 8.36 0.54 11.51
CA ILE A 293 9.39 0.95 10.54
C ILE A 293 9.36 -0.06 9.40
N GLU A 294 9.11 0.46 8.20
CA GLU A 294 9.00 -0.32 6.99
C GLU A 294 10.26 -0.19 6.10
N ASP A 295 10.71 -1.32 5.55
CA ASP A 295 11.92 -1.37 4.70
C ASP A 295 13.11 -0.55 5.26
N PRO A 296 13.54 -0.84 6.51
CA PRO A 296 14.66 -0.14 7.09
C PRO A 296 15.98 -0.45 6.38
N TYR A 297 16.00 -1.54 5.62
CA TYR A 297 17.19 -1.98 4.90
C TYR A 297 16.85 -2.34 3.46
N ASP A 298 17.89 -2.59 2.67
CA ASP A 298 17.76 -3.06 1.29
C ASP A 298 16.90 -4.33 1.21
N GLN A 299 16.24 -4.50 0.06
CA GLN A 299 15.24 -5.54 -0.18
C GLN A 299 15.77 -6.98 -0.14
N ASP A 300 17.10 -7.14 -0.20
CA ASP A 300 17.76 -8.45 0.02
C ASP A 300 18.63 -8.50 1.27
N ASP A 301 18.60 -7.46 2.11
CA ASP A 301 19.35 -7.53 3.38
C ASP A 301 18.52 -8.25 4.45
N PHE A 302 18.43 -9.57 4.34
CA PHE A 302 17.63 -10.35 5.28
C PHE A 302 18.26 -10.29 6.68
N ALA A 303 19.59 -10.24 6.75
CA ALA A 303 20.29 -10.21 8.04
C ALA A 303 20.09 -8.88 8.78
N GLY A 304 20.10 -7.77 8.03
CA GLY A 304 19.87 -6.46 8.60
C GLY A 304 18.46 -6.36 9.14
N PHE A 305 17.47 -6.74 8.31
CA PHE A 305 16.08 -6.81 8.70
C PHE A 305 15.94 -7.60 10.02
N ALA A 306 16.51 -8.81 10.08
CA ALA A 306 16.43 -9.67 11.26
C ALA A 306 16.99 -9.01 12.53
N GLY A 307 18.15 -8.36 12.40
CA GLY A 307 18.78 -7.64 13.51
C GLY A 307 17.90 -6.56 14.13
N ILE A 308 17.29 -5.73 13.29
CA ILE A 308 16.41 -4.65 13.77
C ILE A 308 15.05 -5.18 14.30
N THR A 309 14.56 -6.26 13.67
CA THR A 309 13.31 -6.90 14.09
C THR A 309 13.47 -7.38 15.55
N GLU A 310 14.61 -8.03 15.84
CA GLU A 310 14.91 -8.57 17.18
C GLU A 310 15.19 -7.44 18.18
N ALA A 311 15.94 -6.42 17.74
CA ALA A 311 16.25 -5.28 18.61
C ALA A 311 14.99 -4.51 19.07
N LEU A 312 14.01 -4.33 18.18
CA LEU A 312 12.78 -3.59 18.54
C LEU A 312 11.56 -4.48 18.85
N LYS A 313 11.80 -5.78 18.95
CA LYS A 313 10.78 -6.77 19.34
C LYS A 313 9.91 -6.23 20.49
N GLY A 314 8.60 -6.24 20.28
CA GLY A 314 7.64 -5.78 21.28
C GLY A 314 7.39 -4.28 21.39
N LYS A 315 8.22 -3.48 20.72
CA LYS A 315 8.09 -2.02 20.71
C LYS A 315 7.72 -1.47 19.34
N THR A 316 8.39 -1.96 18.30
CA THR A 316 8.23 -1.44 16.93
C THR A 316 8.22 -2.60 15.96
N GLN A 317 7.11 -2.76 15.22
CA GLN A 317 7.00 -3.80 14.20
C GLN A 317 7.90 -3.40 13.03
N ILE A 318 8.49 -4.41 12.41
CA ILE A 318 9.29 -4.21 11.21
C ILE A 318 8.55 -4.74 9.97
N VAL A 319 8.27 -3.84 9.04
CA VAL A 319 7.39 -4.14 7.91
C VAL A 319 8.22 -4.42 6.65
N GLY A 320 8.05 -5.61 6.10
CA GLY A 320 8.58 -5.94 4.79
C GLY A 320 7.68 -5.33 3.72
N ASP A 321 8.28 -4.66 2.76
CA ASP A 321 7.50 -4.20 1.60
C ASP A 321 8.24 -4.68 0.34
N ASP A 322 9.32 -4.02 -0.03
CA ASP A 322 10.20 -4.54 -1.08
C ASP A 322 10.87 -5.89 -0.72
N LEU A 323 11.10 -6.15 0.57
CA LEU A 323 11.62 -7.45 1.02
C LEU A 323 10.72 -8.61 0.60
N THR A 324 9.42 -8.43 0.82
CA THR A 324 8.44 -9.51 0.77
C THR A 324 7.56 -9.51 -0.48
N VAL A 325 7.36 -8.31 -1.04
CA VAL A 325 6.52 -8.06 -2.25
C VAL A 325 5.22 -8.89 -2.32
N THR A 326 4.54 -9.01 -1.17
CA THR A 326 3.23 -9.66 -1.05
C THR A 326 3.25 -11.09 -1.65
N ASN A 327 4.37 -11.78 -1.48
CA ASN A 327 4.66 -12.95 -2.27
C ASN A 327 5.05 -14.08 -1.31
N THR A 328 4.24 -15.15 -1.29
CA THR A 328 4.43 -16.24 -0.32
C THR A 328 5.85 -16.85 -0.31
N GLU A 329 6.51 -16.88 -1.47
CA GLU A 329 7.90 -17.36 -1.53
C GLU A 329 8.89 -16.46 -0.75
N ARG A 330 8.81 -15.15 -0.99
CA ARG A 330 9.67 -14.20 -0.28
C ARG A 330 9.30 -14.20 1.21
N ILE A 331 8.00 -14.25 1.49
CA ILE A 331 7.49 -14.30 2.88
C ILE A 331 8.05 -15.52 3.63
N LYS A 332 8.08 -16.68 2.96
CA LYS A 332 8.66 -17.87 3.60
C LYS A 332 10.13 -17.66 3.96
N MET A 333 10.89 -16.99 3.09
CA MET A 333 12.29 -16.64 3.40
C MET A 333 12.36 -15.68 4.60
N ALA A 334 11.47 -14.69 4.62
CA ALA A 334 11.39 -13.75 5.73
C ALA A 334 11.06 -14.45 7.07
N ILE A 335 10.10 -15.38 7.05
CA ILE A 335 9.74 -16.17 8.26
C ILE A 335 10.92 -17.01 8.77
N GLU A 336 11.53 -17.76 7.85
CA GLU A 336 12.70 -18.59 8.16
C GLU A 336 13.84 -17.79 8.83
N LYS A 337 14.09 -16.59 8.34
CA LYS A 337 15.18 -15.77 8.88
C LYS A 337 14.72 -14.81 10.01
N LYS A 338 13.45 -14.94 10.44
CA LYS A 338 12.81 -13.94 11.33
C LYS A 338 13.15 -12.50 10.90
N ALA A 339 13.07 -12.23 9.60
CA ALA A 339 13.53 -10.97 9.01
C ALA A 339 12.65 -9.76 9.34
N CYS A 340 11.36 -10.00 9.62
CA CYS A 340 10.38 -8.93 9.83
C CYS A 340 9.15 -9.56 10.48
N ASN A 341 8.20 -8.72 10.90
CA ASN A 341 7.02 -9.26 11.58
C ASN A 341 5.73 -8.55 11.18
N SER A 342 5.77 -7.88 10.03
CA SER A 342 4.61 -7.22 9.47
C SER A 342 4.74 -7.29 7.95
N LEU A 343 3.62 -7.61 7.30
CA LEU A 343 3.52 -7.55 5.85
C LEU A 343 2.87 -6.27 5.35
N LEU A 344 3.58 -5.56 4.48
CA LEU A 344 2.91 -4.52 3.71
C LEU A 344 2.19 -5.20 2.53
N LEU A 345 0.86 -5.18 2.53
CA LEU A 345 0.14 -5.96 1.51
C LEU A 345 -0.25 -5.09 0.32
N LYS A 346 0.37 -5.37 -0.82
CA LYS A 346 0.12 -4.67 -2.09
C LYS A 346 -0.37 -5.67 -3.13
N ILE A 347 -1.67 -5.58 -3.42
CA ILE A 347 -2.29 -6.47 -4.40
C ILE A 347 -1.56 -6.52 -5.76
N ASN A 348 -1.06 -5.37 -6.22
CA ASN A 348 -0.31 -5.29 -7.51
C ASN A 348 1.17 -5.68 -7.46
N GLN A 349 1.70 -6.00 -6.27
CA GLN A 349 3.02 -6.63 -6.14
C GLN A 349 2.97 -8.11 -6.53
N ILE A 350 1.79 -8.71 -6.47
CA ILE A 350 1.61 -10.15 -6.71
C ILE A 350 0.67 -10.40 -7.90
N GLY A 351 -0.46 -9.70 -7.96
CA GLY A 351 -1.25 -9.58 -9.21
C GLY A 351 -2.57 -10.34 -9.28
N THR A 352 -2.88 -11.12 -8.24
CA THR A 352 -4.24 -11.67 -8.07
C THR A 352 -4.73 -11.52 -6.62
N ILE A 353 -6.04 -11.40 -6.49
CA ILE A 353 -6.68 -11.36 -5.18
C ILE A 353 -6.41 -12.67 -4.39
N SER A 354 -6.48 -13.82 -5.06
CA SER A 354 -6.26 -15.13 -4.38
C SER A 354 -4.87 -15.19 -3.76
N GLU A 355 -3.89 -14.75 -4.52
CA GLU A 355 -2.51 -14.76 -4.00
C GLU A 355 -2.28 -13.75 -2.88
N ALA A 356 -2.86 -12.53 -3.02
CA ALA A 356 -2.74 -11.52 -1.99
C ALA A 356 -3.38 -12.03 -0.70
N ILE A 357 -4.56 -12.65 -0.81
CA ILE A 357 -5.22 -13.25 0.37
C ILE A 357 -4.37 -14.36 1.03
N ALA A 358 -3.79 -15.23 0.20
CA ALA A 358 -2.91 -16.30 0.67
C ALA A 358 -1.71 -15.71 1.44
N SER A 359 -1.18 -14.61 0.93
CA SER A 359 -0.05 -13.93 1.61
C SER A 359 -0.43 -13.39 2.99
N SER A 360 -1.58 -12.71 3.07
CA SER A 360 -2.16 -12.25 4.35
C SER A 360 -2.32 -13.40 5.37
N LYS A 361 -2.95 -14.48 4.93
CA LYS A 361 -3.18 -15.67 5.78
C LYS A 361 -1.89 -16.30 6.27
N LEU A 362 -0.93 -16.48 5.37
CA LEU A 362 0.39 -17.01 5.72
C LEU A 362 1.08 -16.13 6.79
N CYS A 363 1.04 -14.81 6.59
CA CYS A 363 1.65 -13.89 7.53
C CYS A 363 1.00 -13.92 8.93
N MET A 364 -0.33 -13.86 8.97
CA MET A 364 -1.07 -13.86 10.23
C MET A 364 -0.93 -15.17 10.99
N GLU A 365 -0.90 -16.28 10.26
CA GLU A 365 -0.69 -17.61 10.85
C GLU A 365 0.67 -17.74 11.52
N ASN A 366 1.64 -16.96 11.04
CA ASN A 366 2.96 -16.92 11.64
C ASN A 366 3.17 -15.73 12.56
N GLY A 367 2.08 -15.11 12.98
CA GLY A 367 2.11 -14.11 14.03
C GLY A 367 2.41 -12.69 13.62
N TRP A 368 2.43 -12.42 12.29
CA TRP A 368 2.75 -11.08 11.81
C TRP A 368 1.46 -10.26 11.76
N SER A 369 1.60 -8.94 11.82
CA SER A 369 0.54 -8.03 11.43
C SER A 369 0.57 -7.83 9.90
N VAL A 370 -0.52 -7.27 9.37
CA VAL A 370 -0.68 -6.98 7.94
C VAL A 370 -1.19 -5.54 7.79
N MET A 371 -0.42 -4.72 7.09
CA MET A 371 -0.80 -3.37 6.76
C MET A 371 -1.13 -3.34 5.27
N VAL A 372 -2.41 -3.20 4.98
CA VAL A 372 -2.87 -3.09 3.61
C VAL A 372 -2.42 -1.72 3.08
N SER A 373 -2.01 -1.67 1.80
CA SER A 373 -1.37 -0.48 1.27
C SER A 373 -1.80 -0.06 -0.15
N HIS A 374 -1.87 1.26 -0.34
CA HIS A 374 -1.93 1.88 -1.67
C HIS A 374 -0.59 1.76 -2.38
N ARG A 375 -0.51 2.28 -3.62
CA ARG A 375 0.78 2.61 -4.23
C ARG A 375 0.91 4.12 -4.31
N SER A 376 2.12 4.62 -4.57
CA SER A 376 2.27 6.08 -4.70
C SER A 376 1.56 6.65 -5.96
N GLY A 377 1.40 5.80 -6.99
CA GLY A 377 0.56 6.07 -8.17
C GLY A 377 -0.81 5.44 -7.92
N GLU A 378 -1.78 6.26 -7.54
CA GLU A 378 -3.09 5.71 -7.19
C GLU A 378 -4.17 6.15 -8.16
N THR A 379 -5.37 5.57 -8.02
CA THR A 379 -6.56 6.03 -8.74
C THR A 379 -7.72 6.30 -7.75
N GLU A 380 -8.86 6.71 -8.33
CA GLU A 380 -10.15 6.81 -7.64
C GLU A 380 -10.71 5.44 -7.17
N ASP A 381 -10.05 4.34 -7.55
CA ASP A 381 -10.40 3.01 -7.06
C ASP A 381 -10.33 2.95 -5.50
N THR A 382 -11.27 2.23 -4.88
CA THR A 382 -11.32 2.11 -3.40
C THR A 382 -11.20 0.68 -2.88
N TYR A 383 -10.80 -0.24 -3.76
CA TYR A 383 -10.71 -1.67 -3.38
C TYR A 383 -10.00 -1.91 -2.05
N ILE A 384 -8.85 -1.26 -1.81
CA ILE A 384 -8.12 -1.56 -0.57
C ILE A 384 -8.87 -1.18 0.73
N ALA A 385 -9.81 -0.24 0.66
CA ALA A 385 -10.70 0.00 1.81
C ALA A 385 -11.54 -1.22 2.19
N ASP A 386 -12.27 -1.80 1.24
CA ASP A 386 -12.93 -3.07 1.52
C ASP A 386 -11.96 -4.19 1.93
N LEU A 387 -10.83 -4.30 1.23
CA LEU A 387 -9.87 -5.37 1.50
C LEU A 387 -9.34 -5.33 2.94
N VAL A 388 -8.91 -4.16 3.41
CA VAL A 388 -8.39 -4.08 4.78
C VAL A 388 -9.45 -4.44 5.85
N VAL A 389 -10.68 -3.97 5.66
CA VAL A 389 -11.77 -4.40 6.55
C VAL A 389 -11.97 -5.91 6.49
N ALA A 390 -12.00 -6.46 5.26
CA ALA A 390 -12.25 -7.91 5.02
C ALA A 390 -11.21 -8.80 5.72
N LEU A 391 -9.96 -8.36 5.73
CA LEU A 391 -8.85 -9.07 6.37
C LEU A 391 -8.79 -8.86 7.90
N GLY A 392 -9.50 -7.85 8.40
CA GLY A 392 -9.54 -7.57 9.82
C GLY A 392 -8.16 -7.26 10.37
N SER A 393 -7.30 -6.67 9.55
CA SER A 393 -5.89 -6.49 9.96
C SER A 393 -5.66 -5.33 10.95
N GLY A 394 -6.54 -4.35 10.92
CA GLY A 394 -6.41 -3.17 11.80
C GLY A 394 -5.41 -2.11 11.36
N GLN A 395 -4.76 -2.31 10.22
CA GLN A 395 -3.75 -1.36 9.71
C GLN A 395 -3.86 -1.10 8.22
N ILE A 396 -3.97 0.19 7.85
CA ILE A 396 -3.94 0.63 6.42
C ILE A 396 -3.04 1.86 6.25
N LYS A 397 -2.29 1.91 5.15
CA LYS A 397 -1.73 3.18 4.74
C LYS A 397 -2.22 3.47 3.35
N THR A 398 -2.89 4.59 3.19
CA THR A 398 -3.46 4.93 1.92
C THR A 398 -3.33 6.44 1.68
N GLY A 399 -2.33 7.06 2.31
CA GLY A 399 -1.99 8.47 2.01
C GLY A 399 -2.15 9.44 3.17
N ALA A 400 -1.59 10.64 3.07
CA ALA A 400 -2.11 11.77 3.86
C ALA A 400 -3.63 11.95 3.64
N PRO A 401 -4.32 12.66 4.57
CA PRO A 401 -5.73 13.04 4.30
C PRO A 401 -5.85 14.19 3.29
N CYS A 402 -5.33 13.97 2.08
CA CYS A 402 -5.21 15.02 1.06
C CYS A 402 -4.95 14.36 -0.27
N ARG A 403 -5.58 14.87 -1.33
CA ARG A 403 -5.60 14.29 -2.68
C ARG A 403 -6.68 13.20 -2.79
N GLY A 404 -7.57 13.34 -3.79
CA GLY A 404 -8.68 12.41 -3.98
C GLY A 404 -8.39 10.92 -4.12
N GLU A 405 -7.22 10.55 -4.66
CA GLU A 405 -6.88 9.12 -4.76
C GLU A 405 -6.53 8.54 -3.37
N ARG A 406 -6.36 9.42 -2.37
CA ARG A 406 -6.15 9.01 -0.98
C ARG A 406 -7.44 9.13 -0.19
N THR A 407 -8.09 10.30 -0.27
CA THR A 407 -9.32 10.52 0.46
C THR A 407 -10.45 9.59 -0.05
N ALA A 408 -10.45 9.18 -1.34
CA ALA A 408 -11.48 8.20 -1.79
C ALA A 408 -11.46 6.96 -0.90
N LYS A 409 -10.26 6.44 -0.58
CA LYS A 409 -10.14 5.26 0.32
C LYS A 409 -10.65 5.58 1.75
N LEU A 410 -10.29 6.76 2.26
CA LEU A 410 -10.64 7.12 3.65
C LEU A 410 -12.15 7.27 3.76
N ASN A 411 -12.73 7.86 2.72
CA ASN A 411 -14.17 8.03 2.66
C ASN A 411 -14.92 6.69 2.55
N GLN A 412 -14.38 5.78 1.75
CA GLN A 412 -15.02 4.45 1.62
C GLN A 412 -15.00 3.73 2.98
N LEU A 413 -13.88 3.89 3.71
CA LEU A 413 -13.82 3.44 5.10
C LEU A 413 -14.89 4.06 6.01
N LEU A 414 -15.19 5.37 5.86
CA LEU A 414 -16.33 5.97 6.59
C LEU A 414 -17.64 5.24 6.29
N ARG A 415 -17.88 4.94 5.00
CA ARG A 415 -19.11 4.29 4.55
C ARG A 415 -19.22 2.88 5.14
N ILE A 416 -18.10 2.15 5.12
CA ILE A 416 -18.07 0.81 5.72
C ILE A 416 -18.34 0.85 7.22
N GLU A 417 -17.67 1.79 7.91
CA GLU A 417 -17.89 2.02 9.34
C GLU A 417 -19.38 2.24 9.67
N GLU A 418 -20.03 3.09 8.87
CA GLU A 418 -21.43 3.41 9.06
C GLU A 418 -22.32 2.16 8.91
N GLU A 419 -22.01 1.34 7.91
CA GLU A 419 -22.73 0.07 7.65
C GLU A 419 -22.62 -0.91 8.81
N LEU A 420 -21.43 -0.96 9.39
CA LEU A 420 -21.14 -1.93 10.45
C LEU A 420 -21.68 -1.51 11.83
N GLY A 421 -21.88 -0.20 12.03
CA GLY A 421 -22.49 0.30 13.26
C GLY A 421 -21.54 0.48 14.44
N ALA A 422 -22.06 0.96 15.57
CA ALA A 422 -21.18 1.37 16.68
C ALA A 422 -20.51 0.22 17.45
N HIS A 423 -20.94 -1.02 17.21
CA HIS A 423 -20.26 -2.15 17.87
C HIS A 423 -19.07 -2.74 17.08
N ALA A 424 -18.84 -2.19 15.87
CA ALA A 424 -17.72 -2.59 15.01
C ALA A 424 -16.38 -2.28 15.67
N LYS A 425 -15.46 -3.24 15.64
CA LYS A 425 -14.12 -3.02 16.20
C LYS A 425 -13.32 -1.99 15.40
N PHE A 426 -12.57 -1.14 16.11
CA PHE A 426 -11.64 -0.23 15.49
C PHE A 426 -10.22 -0.45 16.00
N GLY A 427 -9.25 -0.27 15.10
CA GLY A 427 -7.84 -0.10 15.45
C GLY A 427 -7.03 -1.38 15.41
N PHE A 428 -5.77 -1.25 15.79
CA PHE A 428 -4.87 -2.37 15.92
C PHE A 428 -4.66 -2.61 17.43
N PRO A 429 -5.14 -3.75 17.97
CA PRO A 429 -5.11 -3.97 19.42
C PRO A 429 -3.75 -3.70 20.07
N GLY A 430 -2.65 -4.14 19.44
CA GLY A 430 -1.30 -3.93 19.98
C GLY A 430 -0.91 -2.47 20.17
N TRP A 431 -1.63 -1.55 19.51
CA TRP A 431 -1.35 -0.12 19.58
C TRP A 431 -2.36 0.68 20.41
N SER A 432 -3.49 0.06 20.76
CA SER A 432 -4.60 0.78 21.36
C SER A 432 -4.40 1.05 22.86
#